data_5J13
#
_entry.id   5J13
#
_cell.length_a   51.726
_cell.length_b   51.726
_cell.length_c   370.028
_cell.angle_alpha   90.00
_cell.angle_beta   90.00
_cell.angle_gamma   120.00
#
_symmetry.space_group_name_H-M   'P 32 1 2'
#
loop_
_entity.id
_entity.type
_entity.pdbx_description
1 polymer 'Thymic stromal lymphopoietin'
2 polymer 'anti-TSLP Fab-fragment, light chain'
3 polymer 'anti-TSLP Fab-fragment, heavy chain'
4 non-polymer 'SULFATE ION'
5 water water
#
loop_
_entity_poly.entity_id
_entity_poly.type
_entity_poly.pdbx_seq_one_letter_code
_entity_poly.pdbx_strand_id
1 'polypeptide(L)'
;MGSSHHHHHHSSGLVPRGSHMYDFTNCDFEKIKAAYLSTISKDLITYMSGTKSTEFNNTVSCSNRPHCLTEIQSLTFNPT
AGCASLAKEMFAMKTKAALAIWCPGYSETQINATQAMKKVTTNKCLEQVSQLQGLWRRFNRPLLKQQ
;
A
2 'polypeptide(L)'
;MGILPSPGMPALLSLVSLLSVLLMGCVAETGSYVLTQPPSVSVAPGQTARITCGGNNLGSKSVHWYQQKPGQAPVLVVYD
DSDRPSWIPERFSGSNSGNTATLTISRGEAGDEADYYCQVWDSSSDHVVFGGGTKLTVLGQPKAAPSVTLFPPSSEELQA
NKATLVCLISDFYPGAVTVAWKADSSPVKAGVETTTPSKQSNNKYAASSYLSLTPEQWKSHRSYSCQVTHEGSTVEKTVA
PTECS
;
B
3 'polypeptide(L)'
;MGILPSPGMPALLSLVSLLSVLLMGCVAETGQMQLVESGGGVVQPGRSLRLSCAASGFTFRTYGMHWVRQAPGKGLEWVA
VIWYDGSNKHYADSVKGRFTITRDNSKNTLNLQMNSLRAEDTAVYYCARAPQWELVHEAFDIWGQGTMVTVSSASTKGPS
VFPLAPCSRSTSESTAALGCLVKDYFPEPVTVSWNSGALTSGVHTFPAVLQSSGLYSLSSVVTVPSSNFGTQTYTCNVDH
KPSNTKVDKTVERKGTKHHHHHH
;
C
#
loop_
_chem_comp.id
_chem_comp.type
_chem_comp.name
_chem_comp.formula
SO4 non-polymer 'SULFATE ION' 'O4 S -2'
#
# COMPACT_ATOMS: atom_id res chain seq x y z
N MET A 21 38.39 -11.47 -3.83
CA MET A 21 38.17 -12.61 -4.71
C MET A 21 37.85 -13.88 -3.93
N TYR A 22 38.28 -13.92 -2.66
CA TYR A 22 38.08 -15.09 -1.82
C TYR A 22 36.62 -15.21 -1.36
N ASP A 23 36.01 -16.35 -1.66
CA ASP A 23 34.68 -16.66 -1.17
C ASP A 23 34.79 -17.41 0.16
N PHE A 24 34.02 -16.97 1.14
CA PHE A 24 34.08 -17.55 2.48
C PHE A 24 33.08 -18.69 2.63
N THR A 25 32.75 -19.34 1.53
CA THR A 25 31.72 -20.37 1.51
C THR A 25 32.11 -21.58 2.35
N ASN A 26 33.41 -21.88 2.40
CA ASN A 26 33.89 -23.10 3.05
C ASN A 26 34.44 -22.86 4.46
N CYS A 27 34.21 -21.67 5.01
CA CYS A 27 34.72 -21.33 6.34
C CYS A 27 33.96 -22.06 7.45
N ASP A 28 34.58 -22.14 8.63
CA ASP A 28 33.95 -22.71 9.81
C ASP A 28 33.23 -21.62 10.59
N PHE A 29 31.95 -21.43 10.28
CA PHE A 29 31.19 -20.30 10.80
C PHE A 29 30.98 -20.38 12.31
N GLU A 30 30.73 -21.58 12.82
CA GLU A 30 30.48 -21.76 14.25
C GLU A 30 31.70 -21.34 15.06
N LYS A 31 32.89 -21.71 14.57
CA LYS A 31 34.13 -21.37 15.25
C LYS A 31 34.42 -19.88 15.21
N ILE A 32 34.12 -19.25 14.07
CA ILE A 32 34.33 -17.81 13.94
C ILE A 32 33.38 -17.05 14.85
N LYS A 33 32.15 -17.55 15.01
CA LYS A 33 31.20 -16.97 15.92
C LYS A 33 31.71 -17.04 17.36
N ALA A 34 32.24 -18.21 17.74
CA ALA A 34 32.79 -18.41 19.07
C ALA A 34 33.94 -17.44 19.32
N ALA A 35 34.75 -17.21 18.29
CA ALA A 35 35.87 -16.28 18.39
C ALA A 35 35.38 -14.85 18.59
N TYR A 36 34.26 -14.51 17.96
CA TYR A 36 33.70 -13.18 18.08
C TYR A 36 33.20 -12.93 19.51
N LEU A 37 32.46 -13.90 20.04
CA LEU A 37 31.86 -13.76 21.36
C LEU A 37 32.93 -13.70 22.46
N SER A 38 34.06 -14.37 22.22
CA SER A 38 35.10 -14.48 23.24
C SER A 38 36.13 -13.36 23.17
N THR A 39 36.32 -12.76 22.00
CA THR A 39 37.43 -11.82 21.81
C THR A 39 37.10 -10.60 20.94
N ILE A 40 36.71 -10.82 19.68
CA ILE A 40 36.58 -9.73 18.72
C ILE A 40 35.54 -8.69 19.17
N SER A 41 34.43 -9.17 19.74
CA SER A 41 33.37 -8.28 20.18
C SER A 41 33.87 -7.25 21.19
N LYS A 42 34.64 -7.70 22.17
CA LYS A 42 35.17 -6.82 23.21
C LYS A 42 36.07 -5.74 22.63
N ASP A 43 36.88 -6.09 21.66
CA ASP A 43 37.79 -5.14 21.03
C ASP A 43 37.04 -4.13 20.16
N LEU A 44 35.90 -4.54 19.63
CA LEU A 44 35.05 -3.64 18.85
C LEU A 44 34.39 -2.61 19.77
N ILE A 45 33.82 -3.09 20.87
CA ILE A 45 33.13 -2.23 21.82
C ILE A 45 34.09 -1.24 22.46
N THR A 46 35.27 -1.71 22.87
CA THR A 46 36.28 -0.82 23.46
C THR A 46 36.71 0.24 22.47
N TYR A 47 36.88 -0.15 21.21
CA TYR A 47 37.23 0.80 20.15
C TYR A 47 36.09 1.79 19.96
N MET A 48 34.87 1.34 20.21
CA MET A 48 33.68 2.18 20.07
C MET A 48 33.40 2.98 21.34
N SER A 49 34.44 3.16 22.16
CA SER A 49 34.32 3.92 23.40
C SER A 49 33.23 3.35 24.30
N GLY A 50 33.06 2.03 24.26
CA GLY A 50 32.08 1.36 25.09
C GLY A 50 30.66 1.58 24.65
N THR A 51 30.39 1.31 23.37
CA THR A 51 29.04 1.44 22.84
C THR A 51 28.75 0.31 21.85
N LYS A 52 27.46 0.04 21.63
CA LYS A 52 27.02 -0.99 20.71
C LYS A 52 26.09 -0.40 19.65
N SER A 53 26.23 -0.88 18.42
CA SER A 53 25.42 -0.39 17.31
C SER A 53 23.93 -0.69 17.50
N THR A 54 23.09 0.25 17.11
CA THR A 54 21.64 0.11 17.22
C THR A 54 21.03 -0.29 15.88
N ASN A 57 20.59 3.15 12.01
CA ASN A 57 20.80 3.68 10.68
C ASN A 57 21.84 2.86 9.91
N ASN A 58 21.37 1.87 9.15
CA ASN A 58 22.24 0.96 8.43
C ASN A 58 22.42 1.33 6.96
N THR A 59 23.67 1.31 6.49
CA THR A 59 24.00 1.58 5.11
C THR A 59 24.57 0.34 4.43
N VAL A 60 24.98 -0.63 5.25
CA VAL A 60 25.51 -1.90 4.78
C VAL A 60 24.76 -3.03 5.45
N SER A 61 24.59 -4.14 4.73
CA SER A 61 23.91 -5.31 5.26
C SER A 61 24.59 -6.58 4.76
N CYS A 62 24.04 -7.72 5.12
CA CYS A 62 24.51 -9.00 4.61
C CYS A 62 23.36 -10.00 4.64
N SER A 63 23.39 -10.95 3.72
CA SER A 63 22.25 -11.81 3.44
C SER A 63 22.48 -13.26 3.85
N ASN A 64 23.73 -13.59 4.18
CA ASN A 64 24.09 -14.90 4.70
C ASN A 64 25.48 -14.84 5.30
N ARG A 65 25.91 -15.92 5.96
CA ARG A 65 27.17 -15.91 6.68
C ARG A 65 28.37 -15.74 5.76
N PRO A 66 28.39 -16.44 4.61
CA PRO A 66 29.47 -16.19 3.64
C PRO A 66 29.50 -14.73 3.16
N HIS A 67 28.32 -14.16 2.93
CA HIS A 67 28.22 -12.78 2.46
C HIS A 67 28.66 -11.79 3.54
N CYS A 68 28.30 -12.06 4.79
CA CYS A 68 28.69 -11.18 5.89
C CYS A 68 30.20 -11.07 6.01
N LEU A 69 30.90 -12.20 5.94
CA LEU A 69 32.35 -12.21 6.04
C LEU A 69 33.00 -11.48 4.88
N THR A 70 32.38 -11.53 3.70
CA THR A 70 32.84 -10.75 2.57
C THR A 70 32.79 -9.27 2.92
N GLU A 71 31.68 -8.84 3.49
CA GLU A 71 31.50 -7.44 3.85
C GLU A 71 32.39 -7.07 5.02
N ILE A 72 32.47 -7.95 6.01
CA ILE A 72 33.34 -7.73 7.16
C ILE A 72 34.80 -7.62 6.72
N GLN A 73 35.18 -8.46 5.75
CA GLN A 73 36.53 -8.42 5.19
C GLN A 73 36.84 -7.05 4.62
N SER A 74 35.96 -6.57 3.75
CA SER A 74 36.15 -5.29 3.08
C SER A 74 36.26 -4.14 4.07
N LEU A 75 35.27 -4.03 4.96
CA LEU A 75 35.21 -2.93 5.91
C LEU A 75 36.36 -2.93 6.92
N THR A 76 36.86 -4.11 7.24
CA THR A 76 37.89 -4.23 8.28
C THR A 76 39.30 -3.94 7.77
N PHE A 77 39.57 -4.33 6.53
CA PHE A 77 40.95 -4.34 6.02
C PHE A 77 41.19 -3.42 4.84
N ASN A 78 40.18 -3.19 4.01
CA ASN A 78 40.35 -2.36 2.82
C ASN A 78 40.12 -0.88 3.10
N PRO A 79 41.04 -0.01 2.65
CA PRO A 79 40.78 1.42 2.79
C PRO A 79 39.60 1.85 1.93
N THR A 80 38.80 2.78 2.44
CA THR A 80 37.69 3.35 1.70
C THR A 80 37.83 4.87 1.66
N ALA A 81 37.09 5.51 0.76
CA ALA A 81 37.10 6.97 0.69
C ALA A 81 36.34 7.54 1.88
N GLY A 82 37.05 7.79 2.97
CA GLY A 82 36.45 8.29 4.20
C GLY A 82 37.13 7.74 5.43
N CYS A 83 37.88 6.67 5.26
CA CYS A 83 38.58 6.04 6.38
C CYS A 83 39.78 5.21 5.91
N ALA A 84 40.90 5.36 6.60
CA ALA A 84 42.08 4.57 6.32
C ALA A 84 41.85 3.12 6.76
N SER A 85 42.79 2.25 6.44
CA SER A 85 42.66 0.84 6.78
C SER A 85 42.67 0.65 8.30
N LEU A 86 41.75 -0.17 8.79
CA LEU A 86 41.62 -0.45 10.22
C LEU A 86 42.44 -1.68 10.62
N ALA A 87 43.20 -2.23 9.68
CA ALA A 87 43.91 -3.50 9.88
C ALA A 87 44.86 -3.46 11.07
N LYS A 88 45.29 -2.26 11.45
CA LYS A 88 46.23 -2.09 12.56
C LYS A 88 45.51 -2.20 13.90
N GLU A 89 44.21 -1.91 13.91
CA GLU A 89 43.42 -1.94 15.13
C GLU A 89 43.38 -3.32 15.76
N MET A 90 43.08 -3.38 17.05
CA MET A 90 43.10 -4.63 17.79
C MET A 90 42.03 -5.59 17.27
N PHE A 91 40.78 -5.13 17.23
CA PHE A 91 39.67 -5.95 16.76
C PHE A 91 39.94 -6.49 15.36
N ALA A 92 40.69 -5.74 14.57
CA ALA A 92 41.00 -6.11 13.21
C ALA A 92 42.03 -7.24 13.17
N MET A 93 43.00 -7.19 14.08
CA MET A 93 44.02 -8.22 14.15
C MET A 93 43.41 -9.52 14.67
N LYS A 94 42.47 -9.40 15.61
CA LYS A 94 41.73 -10.55 16.11
C LYS A 94 40.91 -11.18 15.00
N THR A 95 40.35 -10.33 14.14
CA THR A 95 39.55 -10.80 13.02
C THR A 95 40.42 -11.56 12.02
N LYS A 96 41.58 -10.98 11.70
CA LYS A 96 42.53 -11.62 10.80
C LYS A 96 42.94 -12.99 11.32
N ALA A 97 43.10 -13.09 12.64
CA ALA A 97 43.47 -14.34 13.30
C ALA A 97 42.38 -15.40 13.14
N ALA A 98 41.13 -15.00 13.36
CA ALA A 98 40.00 -15.91 13.29
C ALA A 98 39.85 -16.49 11.89
N LEU A 99 40.03 -15.65 10.88
CA LEU A 99 39.86 -16.08 9.50
C LEU A 99 41.02 -16.96 9.05
N ALA A 100 42.23 -16.61 9.48
CA ALA A 100 43.41 -17.38 9.13
C ALA A 100 43.26 -18.84 9.57
N ILE A 101 42.69 -19.03 10.75
CA ILE A 101 42.53 -20.37 11.33
C ILE A 101 41.37 -21.14 10.71
N TRP A 102 40.22 -20.47 10.56
CA TRP A 102 38.97 -21.17 10.26
C TRP A 102 38.52 -21.05 8.81
N CYS A 103 39.26 -20.29 7.99
CA CYS A 103 38.97 -20.19 6.56
C CYS A 103 40.13 -20.79 5.76
N PRO A 104 39.95 -22.01 5.19
CA PRO A 104 41.03 -22.64 4.46
C PRO A 104 41.48 -21.83 3.24
N GLY A 105 42.79 -21.57 3.13
CA GLY A 105 43.36 -20.88 1.99
C GLY A 105 43.32 -19.37 2.12
N TYR A 106 42.67 -18.87 3.16
CA TYR A 106 42.54 -17.43 3.37
C TYR A 106 43.92 -16.77 3.48
N SER A 107 44.75 -17.28 4.37
CA SER A 107 46.09 -16.75 4.58
C SER A 107 47.13 -17.59 3.85
N THR A 121 41.19 7.89 15.39
CA THR A 121 39.77 7.60 15.24
C THR A 121 39.01 8.85 14.77
N THR A 122 38.42 8.77 13.57
CA THR A 122 37.65 9.87 13.01
C THR A 122 36.16 9.52 13.00
N ASN A 123 35.32 10.54 12.88
CA ASN A 123 33.87 10.33 12.84
C ASN A 123 33.46 9.42 11.68
N LYS A 124 34.24 9.45 10.60
CA LYS A 124 33.96 8.63 9.43
C LYS A 124 34.40 7.18 9.64
N CYS A 125 35.35 6.98 10.54
CA CYS A 125 35.82 5.64 10.88
C CYS A 125 34.93 4.99 11.92
N LEU A 126 34.38 5.79 12.82
CA LEU A 126 33.47 5.29 13.83
C LEU A 126 32.17 4.82 13.18
N GLU A 127 31.76 5.54 12.14
CA GLU A 127 30.59 5.15 11.36
C GLU A 127 30.83 3.82 10.69
N GLN A 128 32.05 3.62 10.19
CA GLN A 128 32.39 2.40 9.47
C GLN A 128 32.42 1.20 10.42
N VAL A 129 33.02 1.38 11.59
CA VAL A 129 33.13 0.30 12.57
C VAL A 129 31.77 -0.03 13.19
N SER A 130 30.87 0.96 13.21
CA SER A 130 29.52 0.71 13.71
C SER A 130 28.73 -0.15 12.72
N GLN A 131 28.95 0.07 11.42
CA GLN A 131 28.37 -0.80 10.41
C GLN A 131 28.95 -2.19 10.59
N LEU A 132 30.19 -2.25 11.03
CA LEU A 132 30.90 -3.51 11.20
C LEU A 132 30.30 -4.33 12.35
N GLN A 133 29.93 -3.65 13.43
CA GLN A 133 29.25 -4.30 14.53
C GLN A 133 27.90 -4.85 14.08
N GLY A 134 27.25 -4.14 13.16
CA GLY A 134 25.96 -4.56 12.63
C GLY A 134 26.07 -5.83 11.83
N LEU A 135 27.11 -5.92 11.01
CA LEU A 135 27.35 -7.11 10.21
C LEU A 135 27.64 -8.31 11.10
N TRP A 136 28.47 -8.12 12.12
CA TRP A 136 28.79 -9.19 13.06
C TRP A 136 27.56 -9.70 13.79
N ARG A 137 26.67 -8.77 14.15
CA ARG A 137 25.42 -9.12 14.82
C ARG A 137 24.60 -10.05 13.94
N ARG A 138 24.51 -9.74 12.65
CA ARG A 138 23.78 -10.57 11.71
C ARG A 138 24.45 -11.92 11.56
N PHE A 139 25.77 -11.91 11.44
CA PHE A 139 26.56 -13.13 11.32
C PHE A 139 26.36 -14.07 12.50
N ASN A 140 26.16 -13.49 13.68
CA ASN A 140 26.01 -14.24 14.92
C ASN A 140 24.61 -14.82 15.13
N ARG A 141 23.71 -14.56 14.18
CA ARG A 141 22.31 -14.94 14.35
C ARG A 141 22.12 -16.45 14.55
N PRO A 142 21.17 -16.85 15.42
CA PRO A 142 20.86 -18.26 15.68
C PRO A 142 20.56 -19.07 14.42
N LEU A 143 20.97 -20.34 14.43
CA LEU A 143 20.56 -21.30 13.40
C LEU A 143 19.20 -21.88 13.76
N LEU A 144 18.51 -22.41 12.75
CA LEU A 144 17.21 -23.06 12.97
C LEU A 144 17.36 -24.58 12.92
N SER B 32 -1.61 -19.67 -0.13
CA SER B 32 -1.57 -18.21 -0.07
C SER B 32 -1.98 -17.70 1.31
N TYR B 33 -1.01 -17.23 2.08
CA TYR B 33 -1.25 -16.77 3.44
C TYR B 33 -2.07 -15.49 3.47
N VAL B 34 -2.88 -15.33 4.52
CA VAL B 34 -3.81 -14.20 4.61
C VAL B 34 -3.70 -13.49 5.95
N LEU B 35 -3.47 -12.18 5.88
CA LEU B 35 -3.52 -11.32 7.06
C LEU B 35 -4.80 -10.50 7.04
N THR B 36 -5.49 -10.48 8.15
CA THR B 36 -6.76 -9.76 8.26
C THR B 36 -6.69 -8.66 9.32
N GLN B 37 -7.00 -7.45 8.89
CA GLN B 37 -7.09 -6.29 9.78
C GLN B 37 -8.49 -5.73 9.75
N PRO B 38 -8.89 -5.02 10.80
CA PRO B 38 -10.14 -4.27 10.70
C PRO B 38 -9.98 -3.10 9.73
N PRO B 39 -11.00 -2.81 8.91
CA PRO B 39 -10.83 -1.72 7.94
C PRO B 39 -10.69 -0.36 8.59
N SER B 40 -11.22 -0.21 9.80
CA SER B 40 -11.23 1.07 10.49
C SER B 40 -11.07 0.93 12.01
N VAL B 41 -10.33 1.86 12.59
CA VAL B 41 -10.21 1.98 14.04
C VAL B 41 -10.19 3.45 14.40
N SER B 42 -11.01 3.83 15.37
CA SER B 42 -11.12 5.23 15.77
C SER B 42 -10.76 5.40 17.23
N VAL B 43 -10.13 6.53 17.55
CA VAL B 43 -9.69 6.81 18.91
C VAL B 43 -9.85 8.31 19.19
N ALA B 44 -10.09 8.65 20.44
CA ALA B 44 -10.14 10.04 20.85
C ALA B 44 -8.72 10.56 21.07
N PRO B 45 -8.50 11.88 20.91
CA PRO B 45 -7.16 12.42 21.13
C PRO B 45 -6.69 12.19 22.56
N GLY B 46 -5.47 11.65 22.70
CA GLY B 46 -4.91 11.37 24.01
C GLY B 46 -5.13 9.93 24.45
N GLN B 47 -6.04 9.23 23.78
CA GLN B 47 -6.34 7.84 24.11
C GLN B 47 -5.47 6.87 23.30
N THR B 48 -5.39 5.63 23.78
CA THR B 48 -4.53 4.62 23.16
C THR B 48 -5.25 3.89 22.04
N ALA B 49 -4.60 3.81 20.89
CA ALA B 49 -5.15 3.12 19.72
C ALA B 49 -4.54 1.73 19.61
N ARG B 50 -5.36 0.75 19.27
CA ARG B 50 -4.89 -0.63 19.10
C ARG B 50 -5.38 -1.21 17.79
N ILE B 51 -4.44 -1.50 16.90
CA ILE B 51 -4.74 -2.04 15.58
C ILE B 51 -4.24 -3.48 15.50
N THR B 52 -5.18 -4.41 15.30
CA THR B 52 -4.86 -5.84 15.33
C THR B 52 -4.65 -6.40 13.93
N CYS B 53 -3.87 -7.47 13.85
CA CYS B 53 -3.59 -8.15 12.60
C CYS B 53 -3.68 -9.65 12.84
N GLY B 54 -4.63 -10.32 12.19
CA GLY B 54 -4.89 -11.73 12.42
C GLY B 54 -4.38 -12.63 11.31
N GLY B 55 -3.83 -13.78 11.68
CA GLY B 55 -3.33 -14.74 10.72
C GLY B 55 -3.04 -16.09 11.35
N ASN B 56 -3.08 -17.15 10.53
CA ASN B 56 -2.82 -18.51 11.01
C ASN B 56 -1.41 -18.67 11.56
N ASN B 57 -1.33 -18.97 12.85
CA ASN B 57 -0.05 -19.12 13.55
C ASN B 57 0.86 -17.93 13.26
N LEU B 58 0.35 -16.74 13.53
CA LEU B 58 1.06 -15.51 13.21
C LEU B 58 2.23 -15.28 14.15
N GLY B 59 2.19 -15.91 15.33
CA GLY B 59 3.25 -15.80 16.31
C GLY B 59 4.54 -16.44 15.84
N SER B 60 4.44 -17.29 14.82
CA SER B 60 5.60 -17.99 14.28
C SER B 60 6.37 -17.12 13.28
N LYS B 61 5.73 -16.03 12.82
CA LYS B 61 6.33 -15.15 11.83
C LYS B 61 6.71 -13.79 12.43
N SER B 62 7.64 -13.11 11.78
CA SER B 62 7.99 -11.75 12.15
C SER B 62 7.05 -10.77 11.47
N VAL B 63 6.34 -9.97 12.27
CA VAL B 63 5.35 -9.04 11.75
C VAL B 63 5.89 -7.63 11.74
N HIS B 64 5.76 -6.96 10.60
CA HIS B 64 6.18 -5.57 10.44
C HIS B 64 4.94 -4.69 10.24
N TRP B 65 5.04 -3.44 10.64
CA TRP B 65 3.94 -2.48 10.49
C TRP B 65 4.40 -1.26 9.70
N TYR B 66 3.52 -0.77 8.83
CA TYR B 66 3.82 0.41 8.03
C TYR B 66 2.74 1.48 8.20
N GLN B 67 3.17 2.73 8.21
CA GLN B 67 2.26 3.88 8.28
C GLN B 67 2.25 4.59 6.94
N GLN B 68 1.06 4.91 6.46
CA GLN B 68 0.92 5.65 5.21
C GLN B 68 -0.07 6.79 5.36
N LYS B 69 0.47 8.01 5.39
CA LYS B 69 -0.36 9.22 5.40
C LYS B 69 -0.81 9.51 3.97
N PRO B 70 -1.98 10.15 3.82
CA PRO B 70 -2.57 10.36 2.49
C PRO B 70 -1.63 11.09 1.51
N GLY B 71 -1.33 10.45 0.38
CA GLY B 71 -0.49 11.05 -0.63
C GLY B 71 0.98 10.72 -0.51
N GLN B 72 1.37 10.09 0.60
CA GLN B 72 2.77 9.78 0.86
C GLN B 72 3.07 8.28 0.68
N ALA B 73 4.35 7.96 0.58
CA ALA B 73 4.79 6.58 0.55
C ALA B 73 4.71 5.97 1.94
N PRO B 74 4.54 4.64 2.03
CA PRO B 74 4.51 4.00 3.35
C PRO B 74 5.79 4.25 4.15
N VAL B 75 5.67 4.23 5.47
CA VAL B 75 6.79 4.41 6.38
C VAL B 75 6.80 3.27 7.40
N LEU B 76 7.96 2.65 7.57
CA LEU B 76 8.11 1.58 8.56
C LEU B 76 8.06 2.17 9.97
N VAL B 77 7.21 1.60 10.82
CA VAL B 77 7.05 2.08 12.19
C VAL B 77 7.45 1.00 13.19
N VAL B 78 7.20 -0.26 12.83
CA VAL B 78 7.60 -1.39 13.65
C VAL B 78 8.05 -2.57 12.78
N TYR B 79 9.14 -3.21 13.20
CA TYR B 79 9.63 -4.40 12.53
C TYR B 79 9.95 -5.48 13.55
N ASP B 80 9.99 -6.73 13.09
CA ASP B 80 10.24 -7.87 13.97
C ASP B 80 9.34 -7.80 15.21
N ASP B 81 8.04 -7.68 14.96
CA ASP B 81 7.01 -7.75 16.00
C ASP B 81 6.97 -6.53 16.93
N SER B 82 8.12 -6.11 17.47
CA SER B 82 8.14 -5.13 18.57
C SER B 82 9.28 -4.12 18.54
N ASP B 83 10.12 -4.15 17.50
CA ASP B 83 11.25 -3.24 17.42
C ASP B 83 10.91 -1.95 16.66
N ARG B 84 11.45 -0.84 17.15
CA ARG B 84 11.21 0.48 16.55
C ARG B 84 12.42 0.99 15.77
N PRO B 85 12.18 1.63 14.62
CA PRO B 85 13.25 2.41 13.98
C PRO B 85 13.59 3.65 14.80
N SER B 86 14.76 4.22 14.58
CA SER B 86 15.22 5.39 15.32
C SER B 86 14.25 6.57 15.18
N TRP B 87 13.69 6.71 13.98
CA TRP B 87 12.88 7.87 13.66
C TRP B 87 11.43 7.75 14.15
N ILE B 88 11.16 6.78 15.01
CA ILE B 88 9.79 6.52 15.46
C ILE B 88 9.61 6.80 16.96
N PRO B 89 8.57 7.58 17.33
CA PRO B 89 8.25 7.83 18.74
C PRO B 89 8.12 6.56 19.59
N GLU B 90 8.38 6.69 20.89
CA GLU B 90 8.22 5.58 21.82
C GLU B 90 6.74 5.26 22.05
N ARG B 91 5.86 6.14 21.55
CA ARG B 91 4.42 5.94 21.64
C ARG B 91 3.99 4.70 20.86
N PHE B 92 4.65 4.44 19.75
CA PHE B 92 4.37 3.27 18.93
C PHE B 92 5.01 2.03 19.54
N SER B 93 4.23 0.96 19.65
CA SER B 93 4.75 -0.31 20.15
C SER B 93 3.97 -1.47 19.55
N GLY B 94 4.67 -2.57 19.29
CA GLY B 94 4.08 -3.73 18.68
C GLY B 94 4.22 -4.97 19.54
N SER B 95 3.37 -5.96 19.26
CA SER B 95 3.43 -7.25 19.94
C SER B 95 2.85 -8.31 19.04
N ASN B 96 3.35 -9.54 19.19
CA ASN B 96 2.88 -10.67 18.39
C ASN B 96 2.75 -11.91 19.25
N SER B 97 1.55 -12.48 19.29
CA SER B 97 1.26 -13.64 20.11
C SER B 97 0.07 -14.43 19.58
N GLY B 98 0.22 -15.75 19.50
CA GLY B 98 -0.84 -16.62 19.03
C GLY B 98 -1.14 -16.41 17.57
N ASN B 99 -2.37 -15.97 17.28
CA ASN B 99 -2.80 -15.68 15.92
C ASN B 99 -3.07 -14.20 15.73
N THR B 100 -2.45 -13.37 16.56
CA THR B 100 -2.74 -11.94 16.58
C THR B 100 -1.50 -11.09 16.84
N ALA B 101 -1.19 -10.23 15.89
CA ALA B 101 -0.23 -9.17 16.09
C ALA B 101 -1.00 -7.89 16.37
N THR B 102 -0.40 -6.96 17.10
CA THR B 102 -1.08 -5.73 17.49
C THR B 102 -0.12 -4.55 17.50
N LEU B 103 -0.54 -3.46 16.86
CA LEU B 103 0.19 -2.21 16.90
C LEU B 103 -0.50 -1.26 17.87
N THR B 104 0.22 -0.89 18.92
CA THR B 104 -0.32 0.00 19.95
C THR B 104 0.28 1.39 19.80
N ILE B 105 -0.59 2.40 19.80
CA ILE B 105 -0.16 3.79 19.72
C ILE B 105 -0.67 4.54 20.94
N SER B 106 0.24 4.84 21.87
CA SER B 106 -0.11 5.50 23.11
C SER B 106 -0.32 6.98 22.90
N ARG B 107 -1.29 7.55 23.62
CA ARG B 107 -1.55 8.99 23.60
C ARG B 107 -1.70 9.48 22.17
N GLY B 108 -2.71 8.95 21.49
CA GLY B 108 -2.95 9.22 20.08
C GLY B 108 -2.99 10.70 19.74
N GLU B 109 -2.17 11.08 18.76
CA GLU B 109 -2.10 12.46 18.30
C GLU B 109 -2.73 12.57 16.92
N ALA B 110 -3.18 13.77 16.57
CA ALA B 110 -3.82 14.00 15.27
C ALA B 110 -2.90 13.59 14.13
N GLY B 111 -1.60 13.74 14.34
CA GLY B 111 -0.62 13.40 13.33
C GLY B 111 -0.47 11.89 13.12
N ASP B 112 -1.11 11.10 13.97
CA ASP B 112 -1.06 9.65 13.83
C ASP B 112 -2.12 9.13 12.87
N GLU B 113 -3.00 10.02 12.42
CA GLU B 113 -4.02 9.64 11.44
C GLU B 113 -3.36 9.21 10.14
N ALA B 114 -3.62 7.96 9.76
CA ALA B 114 -3.01 7.36 8.58
C ALA B 114 -3.58 5.97 8.38
N ASP B 115 -3.22 5.34 7.28
CA ASP B 115 -3.52 3.94 7.06
C ASP B 115 -2.35 3.09 7.56
N TYR B 116 -2.67 2.00 8.25
CA TYR B 116 -1.66 1.13 8.83
C TYR B 116 -1.76 -0.26 8.26
N TYR B 117 -0.63 -0.77 7.76
CA TYR B 117 -0.56 -2.09 7.17
C TYR B 117 0.36 -2.99 7.98
N CYS B 118 -0.12 -4.19 8.31
CA CYS B 118 0.73 -5.23 8.85
C CYS B 118 1.27 -6.06 7.69
N GLN B 119 2.41 -6.72 7.88
CA GLN B 119 3.06 -7.43 6.80
C GLN B 119 3.99 -8.54 7.30
N VAL B 120 4.01 -9.65 6.56
CA VAL B 120 4.90 -10.76 6.86
C VAL B 120 5.51 -11.31 5.58
N TRP B 121 6.58 -12.07 5.74
CA TRP B 121 7.11 -12.91 4.67
C TRP B 121 6.67 -14.35 4.92
N ASP B 122 5.81 -14.86 4.06
CA ASP B 122 5.34 -16.24 4.18
C ASP B 122 6.32 -17.19 3.53
N SER B 123 6.96 -18.02 4.35
CA SER B 123 8.01 -18.92 3.87
C SER B 123 7.45 -20.11 3.09
N SER B 124 6.23 -20.53 3.44
CA SER B 124 5.62 -21.69 2.80
C SER B 124 5.23 -21.38 1.35
N SER B 125 4.75 -20.17 1.11
CA SER B 125 4.32 -19.74 -0.22
C SER B 125 5.36 -18.86 -0.89
N ASP B 126 6.36 -18.44 -0.12
CA ASP B 126 7.42 -17.55 -0.62
C ASP B 126 6.84 -16.25 -1.19
N HIS B 127 5.94 -15.63 -0.44
CA HIS B 127 5.32 -14.37 -0.84
C HIS B 127 5.41 -13.34 0.29
N VAL B 128 5.59 -12.08 -0.08
CA VAL B 128 5.37 -10.99 0.86
C VAL B 128 3.87 -10.76 0.91
N VAL B 129 3.31 -10.75 2.11
CA VAL B 129 1.87 -10.59 2.30
C VAL B 129 1.58 -9.36 3.15
N PHE B 130 0.76 -8.46 2.60
CA PHE B 130 0.26 -7.31 3.35
C PHE B 130 -1.14 -7.58 3.86
N GLY B 131 -1.50 -6.96 4.97
CA GLY B 131 -2.88 -6.95 5.43
C GLY B 131 -3.68 -5.99 4.57
N GLY B 132 -5.00 -6.01 4.73
CA GLY B 132 -5.87 -5.15 3.95
C GLY B 132 -5.68 -3.68 4.27
N GLY B 133 -5.22 -3.40 5.49
CA GLY B 133 -4.98 -2.03 5.92
C GLY B 133 -6.05 -1.54 6.88
N THR B 134 -5.63 -0.74 7.85
CA THR B 134 -6.54 -0.15 8.83
C THR B 134 -6.39 1.36 8.82
N LYS B 135 -7.50 2.06 8.57
CA LYS B 135 -7.52 3.51 8.67
C LYS B 135 -7.69 3.91 10.13
N LEU B 136 -6.65 4.52 10.71
CA LEU B 136 -6.75 5.08 12.05
C LEU B 136 -7.29 6.49 11.99
N THR B 137 -8.38 6.73 12.72
CA THR B 137 -8.99 8.05 12.78
C THR B 137 -8.95 8.60 14.19
N VAL B 138 -8.32 9.76 14.35
CA VAL B 138 -8.35 10.48 15.60
C VAL B 138 -9.55 11.42 15.55
N LEU B 139 -10.57 11.10 16.35
CA LEU B 139 -11.86 11.76 16.24
C LEU B 139 -11.80 13.27 16.47
N GLY B 140 -12.32 14.02 15.50
CA GLY B 140 -12.45 15.46 15.60
C GLY B 140 -13.92 15.86 15.66
N GLN B 141 -14.79 14.86 15.76
CA GLN B 141 -16.23 15.07 15.82
C GLN B 141 -16.89 13.74 16.18
N PRO B 142 -18.16 13.79 16.64
CA PRO B 142 -18.79 12.52 17.02
C PRO B 142 -19.03 11.61 15.82
N LYS B 143 -19.03 10.31 16.06
CA LYS B 143 -19.26 9.34 14.99
C LYS B 143 -20.64 9.53 14.40
N ALA B 144 -20.72 9.43 13.08
CA ALA B 144 -21.97 9.64 12.36
C ALA B 144 -22.21 8.49 11.38
N ALA B 145 -23.38 7.85 11.49
CA ALA B 145 -23.72 6.76 10.60
C ALA B 145 -24.05 7.29 9.21
N PRO B 146 -23.81 6.47 8.17
CA PRO B 146 -24.09 6.94 6.81
C PRO B 146 -25.59 6.93 6.49
N SER B 147 -26.02 7.90 5.71
CA SER B 147 -27.35 7.87 5.11
C SER B 147 -27.19 7.36 3.69
N VAL B 148 -28.01 6.38 3.32
CA VAL B 148 -27.87 5.68 2.05
C VAL B 148 -29.09 5.86 1.15
N THR B 149 -28.82 6.08 -0.13
CA THR B 149 -29.86 6.21 -1.15
C THR B 149 -29.54 5.29 -2.31
N LEU B 150 -30.47 4.41 -2.64
CA LEU B 150 -30.28 3.43 -3.71
C LEU B 150 -31.25 3.70 -4.86
N PHE B 151 -30.71 3.91 -6.05
CA PHE B 151 -31.50 4.13 -7.26
C PHE B 151 -31.44 2.92 -8.19
N PRO B 152 -32.58 2.50 -8.76
CA PRO B 152 -32.55 1.43 -9.75
C PRO B 152 -32.15 1.95 -11.12
N PRO B 153 -31.96 1.05 -12.09
CA PRO B 153 -31.71 1.50 -13.47
C PRO B 153 -32.93 2.23 -14.04
N SER B 154 -32.70 3.34 -14.73
CA SER B 154 -33.79 4.09 -15.33
C SER B 154 -34.36 3.35 -16.54
N SER B 155 -35.62 3.60 -16.84
CA SER B 155 -36.26 3.03 -18.01
C SER B 155 -35.45 3.33 -19.27
N GLU B 156 -34.74 4.46 -19.26
CA GLU B 156 -34.01 4.93 -20.42
C GLU B 156 -32.75 4.11 -20.70
N GLU B 157 -31.94 3.85 -19.68
CA GLU B 157 -30.68 3.14 -19.91
C GLU B 157 -30.92 1.67 -20.18
N LEU B 158 -32.01 1.12 -19.64
CA LEU B 158 -32.37 -0.26 -19.92
C LEU B 158 -32.61 -0.47 -21.42
N GLN B 159 -33.17 0.55 -22.06
CA GLN B 159 -33.41 0.50 -23.51
C GLN B 159 -32.11 0.67 -24.30
N ALA B 160 -31.06 1.14 -23.62
CA ALA B 160 -29.75 1.28 -24.24
C ALA B 160 -28.89 0.04 -23.97
N ASN B 161 -29.55 -1.05 -23.57
CA ASN B 161 -28.89 -2.32 -23.29
C ASN B 161 -27.81 -2.19 -22.21
N LYS B 162 -28.09 -1.35 -21.21
CA LYS B 162 -27.23 -1.20 -20.05
C LYS B 162 -28.08 -1.11 -18.79
N ALA B 163 -27.47 -1.30 -17.64
CA ALA B 163 -28.18 -1.19 -16.38
C ALA B 163 -27.20 -0.87 -15.26
N THR B 164 -27.48 0.21 -14.54
CA THR B 164 -26.61 0.66 -13.48
C THR B 164 -27.42 0.93 -12.20
N LEU B 165 -27.06 0.25 -11.12
CA LEU B 165 -27.59 0.56 -9.81
C LEU B 165 -26.65 1.54 -9.13
N VAL B 166 -27.22 2.58 -8.54
CA VAL B 166 -26.46 3.67 -7.93
C VAL B 166 -26.73 3.75 -6.44
N CYS B 167 -25.67 3.54 -5.65
CA CYS B 167 -25.74 3.60 -4.20
C CYS B 167 -24.99 4.83 -3.70
N LEU B 168 -25.73 5.81 -3.21
CA LEU B 168 -25.14 7.06 -2.74
C LEU B 168 -25.06 7.10 -1.22
N ILE B 169 -23.85 7.30 -0.70
CA ILE B 169 -23.56 7.23 0.73
C ILE B 169 -23.01 8.56 1.21
N SER B 170 -23.62 9.13 2.25
CA SER B 170 -23.21 10.44 2.73
C SER B 170 -23.33 10.62 4.24
N ASP B 171 -22.74 11.69 4.74
CA ASP B 171 -22.87 12.12 6.12
C ASP B 171 -22.33 11.13 7.14
N PHE B 172 -21.24 10.42 6.79
CA PHE B 172 -20.65 9.48 7.74
C PHE B 172 -19.27 9.92 8.19
N TYR B 173 -18.94 9.54 9.42
CA TYR B 173 -17.66 9.83 10.04
C TYR B 173 -17.42 8.80 11.13
N PRO B 174 -16.21 8.20 11.19
CA PRO B 174 -15.00 8.39 10.39
C PRO B 174 -15.18 8.09 8.89
N GLY B 175 -14.20 8.50 8.10
CA GLY B 175 -14.28 8.38 6.65
C GLY B 175 -13.79 7.05 6.13
N ALA B 176 -14.43 5.98 6.59
CA ALA B 176 -14.11 4.63 6.11
C ALA B 176 -15.40 3.83 6.02
N VAL B 177 -15.58 3.13 4.91
CA VAL B 177 -16.80 2.38 4.70
C VAL B 177 -16.56 1.14 3.86
N THR B 178 -17.39 0.13 4.06
CA THR B 178 -17.37 -1.08 3.26
C THR B 178 -18.70 -1.25 2.55
N VAL B 179 -18.68 -1.27 1.22
CA VAL B 179 -19.90 -1.38 0.43
C VAL B 179 -19.99 -2.73 -0.25
N ALA B 180 -21.09 -3.44 -0.01
CA ALA B 180 -21.32 -4.76 -0.59
C ALA B 180 -22.68 -4.80 -1.29
N TRP B 181 -22.75 -5.56 -2.36
CA TRP B 181 -23.98 -5.70 -3.14
C TRP B 181 -24.52 -7.12 -3.05
N LYS B 182 -25.84 -7.24 -3.09
CA LYS B 182 -26.49 -8.55 -3.11
C LYS B 182 -27.57 -8.61 -4.17
N ALA B 183 -27.58 -9.69 -4.94
CA ALA B 183 -28.68 -10.02 -5.84
C ALA B 183 -29.54 -11.08 -5.17
N ASP B 184 -30.77 -10.71 -4.81
CA ASP B 184 -31.60 -11.50 -3.92
C ASP B 184 -30.86 -11.69 -2.58
N SER B 185 -30.28 -12.87 -2.34
CA SER B 185 -29.62 -13.17 -1.07
C SER B 185 -28.12 -13.49 -1.24
N SER B 186 -27.68 -13.59 -2.49
CA SER B 186 -26.29 -13.94 -2.81
C SER B 186 -25.46 -12.71 -3.16
N PRO B 187 -24.19 -12.66 -2.72
CA PRO B 187 -23.36 -11.48 -3.02
C PRO B 187 -23.08 -11.27 -4.51
N VAL B 188 -22.63 -10.07 -4.86
CA VAL B 188 -22.28 -9.72 -6.23
C VAL B 188 -20.89 -9.09 -6.24
N LYS B 189 -19.93 -9.78 -6.86
CA LYS B 189 -18.55 -9.32 -6.87
C LYS B 189 -18.23 -8.54 -8.14
N ALA B 190 -18.68 -9.06 -9.29
CA ALA B 190 -18.35 -8.47 -10.58
C ALA B 190 -19.19 -7.22 -10.85
N GLY B 191 -18.60 -6.26 -11.55
CA GLY B 191 -19.31 -5.08 -12.00
C GLY B 191 -19.52 -4.01 -10.92
N VAL B 192 -18.78 -4.11 -9.82
CA VAL B 192 -18.85 -3.13 -8.75
C VAL B 192 -17.72 -2.11 -8.89
N GLU B 193 -18.08 -0.84 -8.79
CA GLU B 193 -17.10 0.26 -8.80
C GLU B 193 -17.45 1.22 -7.68
N THR B 194 -16.54 1.37 -6.72
CA THR B 194 -16.78 2.19 -5.54
C THR B 194 -15.72 3.27 -5.38
N THR B 195 -16.15 4.47 -5.00
CA THR B 195 -15.23 5.59 -4.80
C THR B 195 -14.55 5.53 -3.45
N THR B 196 -13.42 6.22 -3.34
CA THR B 196 -12.79 6.46 -2.06
C THR B 196 -13.61 7.54 -1.34
N PRO B 197 -13.91 7.35 -0.05
CA PRO B 197 -14.64 8.38 0.68
C PRO B 197 -13.97 9.75 0.60
N SER B 198 -14.77 10.79 0.39
CA SER B 198 -14.27 12.16 0.30
C SER B 198 -14.97 13.06 1.31
N LYS B 199 -14.20 13.97 1.89
CA LYS B 199 -14.73 14.93 2.85
C LYS B 199 -15.58 15.97 2.12
N GLN B 200 -16.81 16.17 2.59
CA GLN B 200 -17.73 17.12 1.97
C GLN B 200 -17.77 18.44 2.75
N SER B 201 -18.63 19.35 2.32
CA SER B 201 -18.69 20.70 2.90
C SER B 201 -19.16 20.69 4.36
N ASN B 202 -19.92 19.66 4.74
CA ASN B 202 -20.37 19.51 6.12
C ASN B 202 -19.35 18.75 6.98
N ASN B 203 -18.14 18.63 6.46
CA ASN B 203 -17.01 18.00 7.17
C ASN B 203 -17.23 16.51 7.50
N LYS B 204 -18.27 15.92 6.94
CA LYS B 204 -18.48 14.47 7.02
C LYS B 204 -18.21 13.89 5.64
N TYR B 205 -18.10 12.57 5.55
CA TYR B 205 -17.67 11.93 4.31
C TYR B 205 -18.84 11.45 3.47
N ALA B 206 -18.60 11.35 2.16
CA ALA B 206 -19.56 10.80 1.21
C ALA B 206 -18.87 9.81 0.30
N ALA B 207 -19.65 8.90 -0.29
CA ALA B 207 -19.09 7.88 -1.17
C ALA B 207 -20.14 7.35 -2.13
N SER B 208 -19.68 6.75 -3.23
CA SER B 208 -20.58 6.23 -4.25
C SER B 208 -20.15 4.82 -4.65
N SER B 209 -21.13 3.96 -4.91
CA SER B 209 -20.87 2.63 -5.45
C SER B 209 -21.81 2.35 -6.61
N TYR B 210 -21.23 1.88 -7.72
CA TYR B 210 -22.00 1.58 -8.92
C TYR B 210 -21.94 0.10 -9.22
N LEU B 211 -23.10 -0.49 -9.47
CA LEU B 211 -23.19 -1.89 -9.86
C LEU B 211 -23.68 -1.98 -11.30
N SER B 212 -22.82 -2.47 -12.18
CA SER B 212 -23.17 -2.64 -13.58
C SER B 212 -23.77 -4.01 -13.86
N LEU B 213 -24.94 -4.02 -14.49
CA LEU B 213 -25.64 -5.23 -14.85
C LEU B 213 -26.11 -5.18 -16.29
N THR B 214 -26.50 -6.33 -16.81
CA THR B 214 -27.25 -6.38 -18.06
C THR B 214 -28.72 -6.21 -17.72
N PRO B 215 -29.53 -5.71 -18.68
CA PRO B 215 -30.97 -5.64 -18.43
C PRO B 215 -31.57 -6.99 -18.04
N GLU B 216 -31.01 -8.06 -18.59
CA GLU B 216 -31.47 -9.41 -18.28
C GLU B 216 -31.29 -9.73 -16.80
N GLN B 217 -30.09 -9.48 -16.30
CA GLN B 217 -29.78 -9.72 -14.88
C GLN B 217 -30.69 -8.92 -13.98
N TRP B 218 -30.93 -7.66 -14.34
CA TRP B 218 -31.77 -6.77 -13.56
C TRP B 218 -33.19 -7.32 -13.42
N LYS B 219 -33.74 -7.81 -14.52
CA LYS B 219 -35.12 -8.29 -14.53
C LYS B 219 -35.26 -9.72 -14.00
N SER B 220 -34.15 -10.44 -13.94
CA SER B 220 -34.16 -11.84 -13.53
C SER B 220 -33.90 -12.04 -12.04
N HIS B 221 -34.32 -11.07 -11.22
CA HIS B 221 -34.15 -11.16 -9.78
C HIS B 221 -35.30 -10.47 -9.04
N ARG B 222 -35.58 -10.93 -7.83
CA ARG B 222 -36.65 -10.37 -7.03
C ARG B 222 -36.23 -9.05 -6.40
N SER B 223 -34.95 -8.92 -6.10
CA SER B 223 -34.43 -7.69 -5.49
C SER B 223 -32.92 -7.58 -5.61
N TYR B 224 -32.44 -6.34 -5.50
CA TYR B 224 -31.02 -6.05 -5.37
C TYR B 224 -30.82 -5.19 -4.11
N SER B 225 -29.69 -5.36 -3.45
CA SER B 225 -29.45 -4.66 -2.18
C SER B 225 -28.06 -4.05 -2.11
N CYS B 226 -28.00 -2.90 -1.44
CA CYS B 226 -26.74 -2.19 -1.19
C CYS B 226 -26.45 -2.21 0.31
N GLN B 227 -25.41 -2.96 0.70
CA GLN B 227 -25.03 -3.06 2.11
C GLN B 227 -23.85 -2.16 2.42
N VAL B 228 -24.08 -1.14 3.24
CA VAL B 228 -23.04 -0.19 3.62
C VAL B 228 -22.68 -0.38 5.10
N THR B 229 -21.50 -0.94 5.34
CA THR B 229 -21.04 -1.18 6.71
C THR B 229 -20.11 -0.07 7.17
N HIS B 230 -20.37 0.45 8.36
CA HIS B 230 -19.61 1.54 8.93
C HIS B 230 -19.43 1.33 10.43
N GLU B 231 -18.18 1.23 10.87
CA GLU B 231 -17.87 0.99 12.29
C GLU B 231 -18.61 -0.25 12.81
N GLY B 232 -18.60 -1.32 12.02
CA GLY B 232 -19.22 -2.56 12.43
C GLY B 232 -20.73 -2.59 12.25
N SER B 233 -21.34 -1.43 12.03
CA SER B 233 -22.79 -1.32 11.85
C SER B 233 -23.14 -1.08 10.39
N THR B 234 -24.23 -1.71 9.94
CA THR B 234 -24.58 -1.71 8.52
C THR B 234 -25.91 -1.04 8.23
N VAL B 235 -25.95 -0.28 7.14
CA VAL B 235 -27.17 0.30 6.61
C VAL B 235 -27.46 -0.33 5.26
N GLU B 236 -28.64 -0.93 5.12
CA GLU B 236 -29.00 -1.67 3.91
C GLU B 236 -30.21 -1.06 3.21
N LYS B 237 -30.12 -0.97 1.88
CA LYS B 237 -31.22 -0.49 1.05
C LYS B 237 -31.51 -1.50 -0.05
N THR B 238 -32.79 -1.68 -0.37
CA THR B 238 -33.23 -2.68 -1.33
C THR B 238 -34.07 -2.05 -2.44
N VAL B 239 -33.92 -2.57 -3.65
CA VAL B 239 -34.77 -2.21 -4.78
C VAL B 239 -35.34 -3.49 -5.42
N ALA B 240 -36.57 -3.39 -5.92
CA ALA B 240 -37.26 -4.53 -6.52
C ALA B 240 -37.65 -4.20 -7.97
N PRO B 241 -37.07 -4.93 -8.95
CA PRO B 241 -37.35 -4.66 -10.37
C PRO B 241 -38.84 -4.57 -10.73
N THR B 242 -39.67 -5.40 -10.12
CA THR B 242 -41.09 -5.44 -10.44
C THR B 242 -41.84 -4.22 -9.90
N GLU B 243 -41.20 -3.47 -9.00
CA GLU B 243 -41.81 -2.30 -8.39
C GLU B 243 -41.49 -1.02 -9.16
N CYS B 244 -40.59 -1.13 -10.14
CA CYS B 244 -40.15 0.01 -10.94
C CYS B 244 -40.96 0.11 -12.24
N GLN C 32 20.34 10.63 4.30
CA GLN C 32 20.74 10.71 2.91
C GLN C 32 20.28 9.49 2.11
N MET C 33 19.81 8.46 2.82
CA MET C 33 19.36 7.22 2.18
C MET C 33 18.05 7.43 1.42
N GLN C 34 18.08 7.19 0.11
CA GLN C 34 16.96 7.54 -0.76
C GLN C 34 16.73 6.53 -1.88
N LEU C 35 15.48 6.44 -2.33
CA LEU C 35 15.11 5.73 -3.54
C LEU C 35 14.26 6.65 -4.40
N VAL C 36 14.71 6.92 -5.63
CA VAL C 36 14.01 7.83 -6.52
C VAL C 36 13.57 7.09 -7.78
N GLU C 37 12.27 7.18 -8.08
CA GLU C 37 11.66 6.42 -9.16
C GLU C 37 11.27 7.29 -10.36
N SER C 38 11.04 6.63 -11.48
CA SER C 38 10.64 7.30 -12.71
C SER C 38 10.17 6.26 -13.71
N GLY C 39 9.73 6.73 -14.88
CA GLY C 39 9.28 5.84 -15.94
C GLY C 39 7.78 5.73 -16.03
N GLY C 40 7.07 6.26 -15.03
CA GLY C 40 5.62 6.17 -14.99
C GLY C 40 4.98 6.99 -16.10
N GLY C 41 3.69 6.75 -16.33
CA GLY C 41 2.95 7.45 -17.36
C GLY C 41 1.69 6.72 -17.77
N VAL C 42 1.10 7.16 -18.88
CA VAL C 42 -0.14 6.59 -19.40
C VAL C 42 0.12 5.77 -20.66
N VAL C 43 -0.27 4.49 -20.63
CA VAL C 43 -0.17 3.61 -21.79
C VAL C 43 -1.49 2.89 -22.02
N GLN C 44 -1.65 2.30 -23.20
CA GLN C 44 -2.85 1.57 -23.53
C GLN C 44 -2.65 0.09 -23.17
N PRO C 45 -3.75 -0.65 -22.98
CA PRO C 45 -3.63 -2.08 -22.67
C PRO C 45 -2.82 -2.84 -23.73
N GLY C 46 -2.00 -3.79 -23.32
CA GLY C 46 -1.19 -4.56 -24.23
C GLY C 46 0.18 -3.95 -24.49
N ARG C 47 0.33 -2.67 -24.17
CA ARG C 47 1.59 -1.96 -24.37
C ARG C 47 2.61 -2.25 -23.27
N SER C 48 3.80 -1.69 -23.40
CA SER C 48 4.90 -1.97 -22.48
C SER C 48 5.33 -0.71 -21.75
N LEU C 49 5.95 -0.89 -20.58
CA LEU C 49 6.46 0.21 -19.80
C LEU C 49 7.65 -0.26 -18.97
N ARG C 50 8.61 0.64 -18.74
CA ARG C 50 9.84 0.32 -18.02
C ARG C 50 10.09 1.35 -16.93
N LEU C 51 9.99 0.91 -15.68
CA LEU C 51 10.21 1.76 -14.53
C LEU C 51 11.65 1.65 -14.04
N SER C 52 12.17 2.73 -13.48
CA SER C 52 13.51 2.75 -12.91
C SER C 52 13.46 3.21 -11.46
N CYS C 53 14.47 2.83 -10.70
CA CYS C 53 14.59 3.23 -9.31
C CYS C 53 16.07 3.42 -9.01
N ALA C 54 16.42 4.63 -8.57
CA ALA C 54 17.82 4.98 -8.30
C ALA C 54 18.08 5.08 -6.80
N ALA C 55 18.98 4.23 -6.31
CA ALA C 55 19.35 4.21 -4.91
C ALA C 55 20.50 5.17 -4.64
N SER C 56 20.51 5.76 -3.46
CA SER C 56 21.62 6.60 -3.04
C SER C 56 21.73 6.60 -1.52
N GLY C 57 22.96 6.73 -1.02
CA GLY C 57 23.20 6.85 0.40
C GLY C 57 23.31 5.53 1.14
N PHE C 58 23.41 4.42 0.40
CA PHE C 58 23.62 3.13 1.04
C PHE C 58 24.19 2.12 0.05
N THR C 59 24.72 1.02 0.58
CA THR C 59 25.37 0.00 -0.23
C THR C 59 24.32 -0.89 -0.88
N PHE C 60 23.88 -0.48 -2.05
CA PHE C 60 22.78 -1.10 -2.78
C PHE C 60 22.93 -2.61 -2.95
N ARG C 61 24.15 -3.05 -3.25
CA ARG C 61 24.38 -4.45 -3.63
C ARG C 61 24.26 -5.44 -2.46
N THR C 62 23.99 -4.94 -1.25
CA THR C 62 23.85 -5.82 -0.09
C THR C 62 22.41 -5.92 0.39
N TYR C 63 21.49 -5.33 -0.37
CA TYR C 63 20.07 -5.32 0.00
C TYR C 63 19.21 -5.96 -1.07
N GLY C 64 18.21 -6.71 -0.63
CA GLY C 64 17.18 -7.18 -1.53
C GLY C 64 16.30 -6.01 -1.94
N MET C 65 15.85 -5.99 -3.20
CA MET C 65 15.02 -4.90 -3.70
C MET C 65 13.67 -5.43 -4.19
N HIS C 66 12.62 -4.68 -3.86
CA HIS C 66 11.25 -5.09 -4.14
C HIS C 66 10.49 -4.03 -4.92
N TRP C 67 9.41 -4.47 -5.58
CA TRP C 67 8.42 -3.55 -6.14
C TRP C 67 7.09 -3.81 -5.46
N VAL C 68 6.46 -2.74 -5.01
CA VAL C 68 5.15 -2.81 -4.39
C VAL C 68 4.23 -1.82 -5.09
N ARG C 69 2.99 -2.21 -5.34
CA ARG C 69 2.04 -1.33 -6.00
C ARG C 69 0.77 -1.14 -5.19
N GLN C 70 0.10 -0.03 -5.45
CA GLN C 70 -1.10 0.34 -4.72
C GLN C 70 -2.08 0.99 -5.68
N ALA C 71 -3.16 0.27 -6.01
CA ALA C 71 -4.22 0.83 -6.82
C ALA C 71 -4.93 1.93 -6.05
N PRO C 72 -5.49 2.92 -6.75
CA PRO C 72 -6.15 4.06 -6.10
C PRO C 72 -7.21 3.63 -5.09
N GLY C 73 -7.04 4.03 -3.83
CA GLY C 73 -8.00 3.74 -2.79
C GLY C 73 -7.95 2.32 -2.27
N LYS C 74 -6.93 1.57 -2.68
CA LYS C 74 -6.77 0.17 -2.28
C LYS C 74 -5.54 -0.02 -1.39
N GLY C 75 -5.26 -1.27 -1.03
CA GLY C 75 -4.15 -1.59 -0.15
C GLY C 75 -2.86 -1.86 -0.90
N LEU C 76 -1.81 -2.17 -0.13
CA LEU C 76 -0.50 -2.45 -0.70
C LEU C 76 -0.43 -3.88 -1.22
N GLU C 77 0.14 -4.04 -2.41
CA GLU C 77 0.28 -5.35 -3.05
C GLU C 77 1.73 -5.54 -3.52
N TRP C 78 2.38 -6.54 -2.94
CA TRP C 78 3.74 -6.91 -3.35
C TRP C 78 3.74 -7.42 -4.78
N VAL C 79 4.75 -7.01 -5.55
CA VAL C 79 4.82 -7.30 -6.98
C VAL C 79 5.97 -8.25 -7.31
N ALA C 80 7.18 -7.87 -6.91
CA ALA C 80 8.36 -8.65 -7.26
C ALA C 80 9.53 -8.39 -6.32
N VAL C 81 10.52 -9.28 -6.37
CA VAL C 81 11.73 -9.13 -5.59
C VAL C 81 12.93 -9.63 -6.37
N ILE C 82 14.07 -8.97 -6.19
CA ILE C 82 15.33 -9.47 -6.70
C ILE C 82 16.35 -9.54 -5.56
N TRP C 83 17.09 -10.63 -5.49
CA TRP C 83 18.06 -10.81 -4.43
C TRP C 83 19.21 -9.79 -4.54
N TYR C 84 19.97 -9.65 -3.47
CA TYR C 84 21.04 -8.66 -3.39
C TYR C 84 22.02 -8.78 -4.55
N ASP C 85 22.31 -10.01 -4.96
CA ASP C 85 23.30 -10.26 -6.00
C ASP C 85 22.66 -10.49 -7.37
N GLY C 86 21.35 -10.33 -7.45
CA GLY C 86 20.64 -10.47 -8.71
C GLY C 86 20.41 -11.93 -9.08
N SER C 87 20.73 -12.83 -8.17
CA SER C 87 20.72 -14.27 -8.45
C SER C 87 19.32 -14.85 -8.63
N ASN C 88 18.40 -14.45 -7.75
CA ASN C 88 17.02 -14.95 -7.79
C ASN C 88 16.01 -13.83 -8.02
N LYS C 89 14.98 -14.13 -8.78
CA LYS C 89 13.91 -13.19 -9.08
C LYS C 89 12.56 -13.87 -8.82
N HIS C 90 11.77 -13.31 -7.92
CA HIS C 90 10.49 -13.89 -7.56
C HIS C 90 9.35 -12.87 -7.74
N TYR C 91 8.25 -13.33 -8.29
CA TYR C 91 7.12 -12.47 -8.63
C TYR C 91 5.83 -12.92 -7.96
N ALA C 92 4.90 -11.99 -7.80
CA ALA C 92 3.53 -12.34 -7.44
C ALA C 92 2.86 -12.96 -8.66
N ASP C 93 1.92 -13.87 -8.42
CA ASP C 93 1.25 -14.58 -9.51
C ASP C 93 0.52 -13.62 -10.45
N SER C 94 0.04 -12.51 -9.93
CA SER C 94 -0.75 -11.56 -10.71
C SER C 94 0.05 -10.86 -11.80
N VAL C 95 1.37 -11.00 -11.76
CA VAL C 95 2.24 -10.35 -12.75
C VAL C 95 3.26 -11.30 -13.37
N LYS C 96 3.43 -12.48 -12.78
CA LYS C 96 4.44 -13.43 -13.25
C LYS C 96 4.21 -13.78 -14.72
N GLY C 97 5.28 -13.74 -15.51
CA GLY C 97 5.20 -14.04 -16.93
C GLY C 97 5.02 -12.80 -17.77
N ARG C 98 4.70 -11.68 -17.12
CA ARG C 98 4.51 -10.41 -17.81
C ARG C 98 5.53 -9.36 -17.37
N PHE C 99 5.88 -9.39 -16.09
CA PHE C 99 6.82 -8.41 -15.54
C PHE C 99 8.20 -9.03 -15.36
N THR C 100 9.23 -8.20 -15.50
CA THR C 100 10.61 -8.63 -15.32
C THR C 100 11.37 -7.63 -14.43
N ILE C 101 11.89 -8.13 -13.32
CA ILE C 101 12.68 -7.30 -12.40
C ILE C 101 14.17 -7.54 -12.64
N THR C 102 14.93 -6.46 -12.75
CA THR C 102 16.39 -6.54 -12.91
C THR C 102 17.07 -5.51 -12.03
N ARG C 103 18.37 -5.69 -11.79
CA ARG C 103 19.14 -4.72 -11.03
C ARG C 103 20.55 -4.57 -11.59
N ASP C 104 21.15 -3.42 -11.32
CA ASP C 104 22.52 -3.13 -11.71
C ASP C 104 23.27 -2.65 -10.47
N ASN C 105 24.11 -3.53 -9.92
CA ASN C 105 24.79 -3.23 -8.66
C ASN C 105 26.00 -2.31 -8.83
N SER C 106 26.43 -2.09 -10.06
CA SER C 106 27.51 -1.15 -10.35
C SER C 106 26.96 0.27 -10.56
N LYS C 107 25.69 0.34 -10.97
CA LYS C 107 25.02 1.62 -11.20
C LYS C 107 24.01 1.93 -10.08
N ASN C 108 23.84 0.98 -9.16
CA ASN C 108 22.88 1.11 -8.06
C ASN C 108 21.48 1.43 -8.60
N THR C 109 21.04 0.63 -9.56
CA THR C 109 19.76 0.84 -10.23
C THR C 109 18.89 -0.42 -10.19
N LEU C 110 17.61 -0.21 -9.94
CA LEU C 110 16.61 -1.25 -10.00
C LEU C 110 15.64 -0.93 -11.15
N ASN C 111 15.18 -1.96 -11.85
CA ASN C 111 14.25 -1.79 -12.95
C ASN C 111 13.08 -2.76 -12.91
N LEU C 112 11.96 -2.35 -13.47
CA LEU C 112 10.81 -3.22 -13.67
C LEU C 112 10.29 -3.06 -15.08
N GLN C 113 10.48 -4.10 -15.88
CA GLN C 113 9.97 -4.12 -17.25
C GLN C 113 8.57 -4.72 -17.26
N MET C 114 7.58 -3.89 -17.58
CA MET C 114 6.18 -4.31 -17.55
C MET C 114 5.62 -4.51 -18.96
N ASN C 115 5.39 -5.77 -19.31
CA ASN C 115 4.82 -6.12 -20.62
C ASN C 115 3.36 -6.51 -20.52
N SER C 116 2.65 -6.37 -21.64
CA SER C 116 1.25 -6.78 -21.74
C SER C 116 0.41 -6.21 -20.61
N LEU C 117 0.40 -4.89 -20.51
CA LEU C 117 -0.29 -4.23 -19.42
C LEU C 117 -1.81 -4.31 -19.57
N ARG C 118 -2.49 -4.48 -18.44
CA ARG C 118 -3.94 -4.52 -18.39
C ARG C 118 -4.44 -3.40 -17.48
N ALA C 119 -5.74 -3.17 -17.47
CA ALA C 119 -6.34 -2.11 -16.66
C ALA C 119 -6.03 -2.29 -15.19
N GLU C 120 -5.98 -3.55 -14.75
CA GLU C 120 -5.79 -3.85 -13.32
C GLU C 120 -4.35 -3.59 -12.87
N ASP C 121 -3.46 -3.26 -13.81
CA ASP C 121 -2.09 -2.89 -13.46
C ASP C 121 -2.00 -1.41 -13.11
N THR C 122 -3.09 -0.68 -13.32
CA THR C 122 -3.15 0.73 -12.96
C THR C 122 -2.92 0.88 -11.46
N ALA C 123 -1.84 1.56 -11.10
CA ALA C 123 -1.47 1.72 -9.70
C ALA C 123 -0.29 2.66 -9.54
N VAL C 124 -0.04 3.09 -8.32
CA VAL C 124 1.22 3.73 -7.96
C VAL C 124 2.22 2.63 -7.64
N TYR C 125 3.39 2.69 -8.27
CA TYR C 125 4.40 1.66 -8.07
C TYR C 125 5.54 2.21 -7.21
N TYR C 126 5.73 1.57 -6.05
CA TYR C 126 6.83 1.90 -5.15
C TYR C 126 7.95 0.88 -5.27
N CYS C 127 9.18 1.33 -5.06
CA CYS C 127 10.30 0.42 -4.82
C CYS C 127 10.74 0.58 -3.37
N ALA C 128 11.13 -0.53 -2.76
CA ALA C 128 11.59 -0.52 -1.38
C ALA C 128 12.76 -1.47 -1.18
N ARG C 129 13.67 -1.11 -0.27
CA ARG C 129 14.79 -2.00 0.05
C ARG C 129 14.41 -2.82 1.27
N ALA C 130 14.97 -4.01 1.36
CA ALA C 130 14.77 -4.86 2.53
C ALA C 130 15.98 -5.75 2.71
N PRO C 131 16.51 -5.80 3.94
CA PRO C 131 17.56 -6.78 4.19
C PRO C 131 17.06 -8.19 3.95
N GLN C 132 17.93 -9.07 3.46
CA GLN C 132 17.64 -10.49 3.38
C GLN C 132 18.39 -11.20 4.47
N TRP C 133 17.86 -12.30 4.95
CA TRP C 133 18.62 -13.23 5.76
C TRP C 133 18.27 -14.64 5.36
N GLU C 134 19.22 -15.30 4.71
CA GLU C 134 19.00 -16.61 4.12
C GLU C 134 17.84 -16.52 3.12
N LEU C 135 16.71 -17.16 3.43
CA LEU C 135 15.57 -17.17 2.51
C LEU C 135 14.48 -16.19 2.95
N VAL C 136 14.68 -15.56 4.10
CA VAL C 136 13.70 -14.62 4.63
C VAL C 136 13.97 -13.20 4.14
N HIS C 137 12.90 -12.49 3.79
CA HIS C 137 12.97 -11.07 3.49
C HIS C 137 12.44 -10.28 4.67
N GLU C 138 13.21 -9.29 5.09
CA GLU C 138 12.89 -8.54 6.30
C GLU C 138 12.10 -7.27 5.96
N ALA C 139 12.00 -6.35 6.92
CA ALA C 139 11.13 -5.19 6.81
C ALA C 139 11.60 -4.21 5.73
N PHE C 140 10.63 -3.55 5.09
CA PHE C 140 10.90 -2.51 4.11
C PHE C 140 11.20 -1.19 4.81
N ASP C 141 12.49 -0.88 5.00
CA ASP C 141 12.86 0.28 5.81
C ASP C 141 12.96 1.57 4.99
N ILE C 142 13.20 1.46 3.70
CA ILE C 142 13.24 2.62 2.81
C ILE C 142 12.36 2.41 1.60
N TRP C 143 11.48 3.38 1.36
CA TRP C 143 10.56 3.36 0.23
C TRP C 143 10.84 4.50 -0.72
N GLY C 144 10.60 4.28 -2.00
CA GLY C 144 10.66 5.35 -2.98
C GLY C 144 9.43 6.23 -2.88
N GLN C 145 9.42 7.34 -3.59
CA GLN C 145 8.30 8.29 -3.49
C GLN C 145 7.08 7.79 -4.28
N GLY C 146 7.31 6.84 -5.19
CA GLY C 146 6.23 6.26 -5.98
C GLY C 146 6.08 6.92 -7.34
N THR C 147 5.77 6.10 -8.36
CA THR C 147 5.50 6.62 -9.69
C THR C 147 4.17 6.07 -10.20
N MET C 148 3.37 6.95 -10.79
CA MET C 148 2.03 6.57 -11.23
C MET C 148 2.05 5.89 -12.58
N VAL C 149 1.36 4.76 -12.68
CA VAL C 149 1.19 4.03 -13.92
C VAL C 149 -0.29 3.86 -14.24
N THR C 150 -0.71 4.34 -15.40
CA THR C 150 -2.10 4.25 -15.82
C THR C 150 -2.21 3.46 -17.11
N VAL C 151 -3.00 2.39 -17.06
CA VAL C 151 -3.27 1.58 -18.24
C VAL C 151 -4.69 1.83 -18.70
N SER C 152 -4.84 2.57 -19.79
CA SER C 152 -6.16 2.96 -20.27
C SER C 152 -6.14 3.41 -21.73
N SER C 153 -7.26 3.19 -22.40
CA SER C 153 -7.46 3.66 -23.78
C SER C 153 -8.41 4.85 -23.81
N ALA C 154 -8.75 5.36 -22.63
CA ALA C 154 -9.72 6.45 -22.52
C ALA C 154 -9.26 7.69 -23.29
N SER C 155 -10.19 8.26 -24.05
CA SER C 155 -9.97 9.52 -24.75
C SER C 155 -11.22 10.38 -24.63
N THR C 156 -11.11 11.66 -24.97
CA THR C 156 -12.17 12.63 -24.75
C THR C 156 -13.55 12.11 -25.17
N LYS C 157 -14.50 12.21 -24.25
CA LYS C 157 -15.85 11.70 -24.48
C LYS C 157 -16.86 12.45 -23.62
N GLY C 158 -17.97 12.85 -24.22
CA GLY C 158 -19.04 13.50 -23.49
C GLY C 158 -19.88 12.48 -22.73
N PRO C 159 -20.57 12.92 -21.68
CA PRO C 159 -21.33 11.99 -20.84
C PRO C 159 -22.68 11.60 -21.39
N SER C 160 -23.16 10.42 -20.99
CA SER C 160 -24.54 10.03 -21.19
C SER C 160 -25.29 10.31 -19.90
N VAL C 161 -26.41 11.02 -20.00
CA VAL C 161 -27.18 11.41 -18.81
C VAL C 161 -28.47 10.60 -18.71
N PHE C 162 -28.68 10.01 -17.54
CA PHE C 162 -29.89 9.24 -17.26
C PHE C 162 -30.54 9.76 -15.98
N PRO C 163 -31.87 9.66 -15.89
CA PRO C 163 -32.56 10.14 -14.69
C PRO C 163 -32.40 9.19 -13.51
N LEU C 164 -32.40 9.75 -12.30
CA LEU C 164 -32.36 8.95 -11.08
C LEU C 164 -33.62 9.22 -10.27
N ALA C 165 -34.49 8.22 -10.20
CA ALA C 165 -35.73 8.32 -9.44
C ALA C 165 -35.94 7.04 -8.64
N PRO C 166 -36.54 7.16 -7.45
CA PRO C 166 -36.72 6.00 -6.57
C PRO C 166 -37.67 4.96 -7.17
N CYS C 167 -37.55 3.72 -6.71
CA CYS C 167 -38.40 2.65 -7.21
C CYS C 167 -39.84 2.87 -6.74
N SER C 168 -40.01 3.05 -5.44
CA SER C 168 -41.32 3.33 -4.85
C SER C 168 -41.44 4.80 -4.45
N THR C 175 -37.53 13.34 3.51
CA THR C 175 -38.26 13.35 2.25
C THR C 175 -37.55 12.48 1.21
N ALA C 176 -38.02 12.54 -0.03
CA ALA C 176 -37.44 11.77 -1.13
C ALA C 176 -36.45 12.60 -1.94
N ALA C 177 -35.74 11.96 -2.86
CA ALA C 177 -34.76 12.63 -3.70
C ALA C 177 -34.73 12.04 -5.11
N LEU C 178 -34.38 12.89 -6.07
CA LEU C 178 -34.17 12.45 -7.44
C LEU C 178 -32.90 13.11 -7.97
N GLY C 179 -32.48 12.74 -9.16
CA GLY C 179 -31.26 13.28 -9.72
C GLY C 179 -31.01 12.81 -11.14
N CYS C 180 -29.79 13.01 -11.62
CA CYS C 180 -29.37 12.43 -12.89
C CYS C 180 -27.99 11.79 -12.78
N LEU C 181 -27.83 10.69 -13.50
CA LEU C 181 -26.58 9.94 -13.55
C LEU C 181 -25.78 10.37 -14.77
N VAL C 182 -24.63 11.00 -14.54
CA VAL C 182 -23.75 11.47 -15.61
C VAL C 182 -22.67 10.43 -15.89
N LYS C 183 -22.89 9.59 -16.91
CA LYS C 183 -22.12 8.37 -17.08
C LYS C 183 -21.11 8.43 -18.24
N ASP C 184 -19.94 7.82 -18.01
CA ASP C 184 -18.95 7.57 -19.06
C ASP C 184 -18.47 8.82 -19.79
N TYR C 185 -17.77 9.70 -19.09
CA TYR C 185 -17.16 10.86 -19.71
C TYR C 185 -15.67 10.92 -19.41
N PHE C 186 -14.96 11.75 -20.16
CA PHE C 186 -13.53 11.90 -19.99
C PHE C 186 -13.03 13.11 -20.76
N PRO C 187 -12.10 13.88 -20.17
CA PRO C 187 -11.58 13.82 -18.80
C PRO C 187 -12.47 14.62 -17.85
N GLU C 188 -12.02 14.77 -16.60
CA GLU C 188 -12.69 15.68 -15.68
C GLU C 188 -12.41 17.11 -16.13
N PRO C 189 -13.28 18.06 -15.72
CA PRO C 189 -14.48 17.91 -14.91
C PRO C 189 -15.77 18.07 -15.73
N VAL C 190 -16.90 17.72 -15.10
CA VAL C 190 -18.21 18.15 -15.58
C VAL C 190 -18.81 19.05 -14.52
N THR C 191 -19.70 19.94 -14.94
CA THR C 191 -20.47 20.75 -14.02
C THR C 191 -21.95 20.42 -14.19
N VAL C 192 -22.61 20.18 -13.07
CA VAL C 192 -24.05 19.92 -13.06
C VAL C 192 -24.77 21.05 -12.34
N SER C 193 -25.73 21.67 -13.02
CA SER C 193 -26.52 22.73 -12.43
C SER C 193 -28.00 22.46 -12.66
N TRP C 194 -28.77 22.55 -11.59
CA TRP C 194 -30.21 22.35 -11.64
C TRP C 194 -30.91 23.69 -11.85
N ASN C 195 -32.12 23.64 -12.38
CA ASN C 195 -32.90 24.85 -12.61
C ASN C 195 -33.15 25.58 -11.30
N SER C 196 -33.21 26.90 -11.37
CA SER C 196 -33.35 27.76 -10.20
C SER C 196 -34.49 27.34 -9.28
N GLY C 197 -35.59 26.87 -9.86
CA GLY C 197 -36.77 26.51 -9.09
C GLY C 197 -36.59 25.29 -8.22
N ALA C 198 -35.80 24.33 -8.70
CA ALA C 198 -35.62 23.07 -8.00
C ALA C 198 -34.72 23.21 -6.76
N LEU C 199 -33.85 24.22 -6.78
CA LEU C 199 -32.86 24.39 -5.72
C LEU C 199 -33.40 25.22 -4.56
N THR C 200 -34.15 24.57 -3.68
CA THR C 200 -34.73 25.23 -2.52
C THR C 200 -34.56 24.40 -1.24
N SER C 201 -34.33 23.10 -1.38
CA SER C 201 -34.32 22.18 -0.24
C SER C 201 -33.05 21.31 -0.19
N GLY C 202 -32.03 21.70 -0.95
CA GLY C 202 -30.74 21.01 -0.93
C GLY C 202 -30.36 20.38 -2.25
N VAL C 203 -29.08 20.05 -2.37
CA VAL C 203 -28.54 19.44 -3.59
C VAL C 203 -27.14 18.94 -3.30
N HIS C 204 -26.81 17.76 -3.81
N HIS C 204 -26.80 17.77 -3.83
CA HIS C 204 -25.51 17.15 -3.59
CA HIS C 204 -25.49 17.15 -3.57
C HIS C 204 -24.98 16.49 -4.86
C HIS C 204 -24.94 16.47 -4.82
N THR C 205 -23.83 16.98 -5.33
CA THR C 205 -23.14 16.37 -6.46
C THR C 205 -21.96 15.57 -5.92
N PHE C 206 -22.05 14.25 -6.01
CA PHE C 206 -21.03 13.36 -5.45
C PHE C 206 -19.77 13.36 -6.31
N PRO C 207 -18.60 13.13 -5.68
CA PRO C 207 -17.35 12.98 -6.45
C PRO C 207 -17.45 11.84 -7.44
N ALA C 208 -16.72 11.94 -8.55
CA ALA C 208 -16.84 10.96 -9.62
C ALA C 208 -16.10 9.66 -9.29
N VAL C 209 -16.58 8.57 -9.87
CA VAL C 209 -15.87 7.30 -9.80
C VAL C 209 -15.02 7.13 -11.06
N LEU C 210 -13.75 6.83 -10.85
CA LEU C 210 -12.85 6.52 -11.96
C LEU C 210 -12.89 5.02 -12.21
N GLN C 211 -13.56 4.63 -13.29
CA GLN C 211 -13.75 3.22 -13.62
C GLN C 211 -12.49 2.61 -14.21
N SER C 212 -12.46 1.29 -14.27
CA SER C 212 -11.30 0.56 -14.79
C SER C 212 -11.07 0.91 -16.26
N SER C 213 -12.14 1.21 -16.98
CA SER C 213 -12.04 1.61 -18.38
C SER C 213 -11.27 2.91 -18.54
N GLY C 214 -11.18 3.68 -17.46
CA GLY C 214 -10.51 4.98 -17.49
C GLY C 214 -11.50 6.12 -17.62
N LEU C 215 -12.77 5.78 -17.77
CA LEU C 215 -13.83 6.79 -17.87
C LEU C 215 -14.39 7.14 -16.50
N TYR C 216 -14.95 8.34 -16.39
CA TYR C 216 -15.55 8.82 -15.15
C TYR C 216 -17.07 8.73 -15.21
N SER C 217 -17.68 8.62 -14.03
CA SER C 217 -19.13 8.73 -13.89
C SER C 217 -19.40 9.39 -12.54
N LEU C 218 -20.46 10.20 -12.48
CA LEU C 218 -20.89 10.76 -11.19
C LEU C 218 -22.40 10.87 -11.14
N SER C 219 -22.90 11.16 -9.93
CA SER C 219 -24.32 11.35 -9.70
C SER C 219 -24.57 12.69 -9.02
N SER C 220 -25.68 13.31 -9.38
CA SER C 220 -26.11 14.56 -8.75
C SER C 220 -27.58 14.45 -8.35
N VAL C 221 -27.87 14.67 -7.08
CA VAL C 221 -29.21 14.51 -6.53
C VAL C 221 -29.74 15.80 -5.93
N VAL C 222 -31.05 16.00 -6.03
CA VAL C 222 -31.74 17.11 -5.41
C VAL C 222 -32.78 16.58 -4.44
N THR C 223 -33.02 17.32 -3.37
CA THR C 223 -34.02 16.94 -2.37
C THR C 223 -35.39 17.49 -2.75
N VAL C 224 -36.43 16.68 -2.57
CA VAL C 224 -37.80 17.09 -2.87
C VAL C 224 -38.76 16.57 -1.80
N PRO C 225 -39.88 17.29 -1.59
CA PRO C 225 -40.89 16.83 -0.63
C PRO C 225 -41.73 15.67 -1.19
N GLN C 232 -43.76 21.25 -9.72
CA GLN C 232 -42.38 21.74 -9.82
C GLN C 232 -41.57 20.88 -10.80
N THR C 233 -40.75 21.56 -11.60
CA THR C 233 -39.92 20.90 -12.61
C THR C 233 -38.49 20.68 -12.09
N TYR C 234 -37.85 19.62 -12.56
CA TYR C 234 -36.48 19.31 -12.17
C TYR C 234 -35.63 18.99 -13.40
N THR C 235 -34.74 19.91 -13.73
CA THR C 235 -33.94 19.83 -14.95
C THR C 235 -32.46 20.01 -14.64
N CYS C 236 -31.66 18.99 -14.89
CA CYS C 236 -30.22 19.08 -14.66
C CYS C 236 -29.50 19.42 -15.97
N ASN C 237 -28.71 20.50 -15.93
CA ASN C 237 -27.89 20.92 -17.05
C ASN C 237 -26.45 20.47 -16.86
N VAL C 238 -26.00 19.56 -17.72
CA VAL C 238 -24.66 19.00 -17.63
C VAL C 238 -23.77 19.65 -18.69
N ASP C 239 -22.65 20.20 -18.25
CA ASP C 239 -21.70 20.84 -19.14
C ASP C 239 -20.34 20.18 -19.04
N HIS C 240 -19.87 19.64 -20.16
CA HIS C 240 -18.56 19.01 -20.24
C HIS C 240 -17.69 19.73 -21.26
N LYS C 241 -16.99 20.76 -20.79
CA LYS C 241 -16.21 21.64 -21.66
C LYS C 241 -15.13 20.93 -22.49
N PRO C 242 -14.43 19.95 -21.90
CA PRO C 242 -13.37 19.25 -22.65
C PRO C 242 -13.86 18.59 -23.95
N SER C 243 -15.13 18.19 -23.98
CA SER C 243 -15.72 17.60 -25.17
C SER C 243 -16.69 18.56 -25.85
N ASN C 244 -16.84 19.75 -25.29
CA ASN C 244 -17.79 20.74 -25.78
C ASN C 244 -19.20 20.15 -25.87
N THR C 245 -19.60 19.45 -24.81
CA THR C 245 -20.89 18.80 -24.72
C THR C 245 -21.76 19.48 -23.68
N LYS C 246 -23.01 19.76 -24.06
CA LYS C 246 -24.02 20.23 -23.13
C LYS C 246 -25.22 19.29 -23.20
N VAL C 247 -25.75 18.91 -22.05
CA VAL C 247 -26.95 18.07 -21.99
C VAL C 247 -27.93 18.63 -20.97
N ASP C 248 -29.19 18.75 -21.38
CA ASP C 248 -30.25 19.18 -20.47
C ASP C 248 -31.33 18.10 -20.42
N LYS C 249 -31.53 17.52 -19.23
CA LYS C 249 -32.51 16.47 -19.03
C LYS C 249 -33.48 16.86 -17.92
N THR C 250 -34.77 16.63 -18.15
CA THR C 250 -35.78 16.82 -17.13
C THR C 250 -36.13 15.47 -16.49
N VAL C 251 -36.16 15.45 -15.16
CA VAL C 251 -36.38 14.22 -14.41
C VAL C 251 -37.81 14.13 -13.90
N GLU C 252 -38.35 12.91 -13.90
CA GLU C 252 -39.71 12.65 -13.42
C GLU C 252 -39.70 11.68 -12.25
S SO4 D . -10.69 13.31 9.69
O1 SO4 D . -11.88 13.85 9.04
O2 SO4 D . -10.49 11.93 9.26
O3 SO4 D . -10.88 13.34 11.14
O4 SO4 D . -9.54 14.11 9.33
S SO4 E . -25.13 5.05 -24.46
O1 SO4 E . -25.51 4.15 -25.54
O2 SO4 E . -24.24 6.08 -24.97
O3 SO4 E . -26.33 5.69 -23.91
O4 SO4 E . -24.46 4.30 -23.41
S SO4 F . -21.37 19.59 -0.93
O1 SO4 F . -21.93 18.65 -1.92
O2 SO4 F . -21.33 20.93 -1.51
O3 SO4 F . -22.22 19.60 0.26
O4 SO4 F . -20.03 19.16 -0.57
#